data_6DCW
#
_entry.id   6DCW
#
_cell.length_a   92.308
_cell.length_b   59.670
_cell.length_c   82.331
_cell.angle_alpha   90.00
_cell.angle_beta   103.62
_cell.angle_gamma   90.00
#
_symmetry.space_group_name_H-M   'C 1 2 1'
#
loop_
_entity.id
_entity.type
_entity.pdbx_description
1 polymer 'Light chain of CBTAU27.1 Fab'
2 polymer 'Heavy chain of CBTAU27.1 Fab'
3 polymer 'tau peptide'
4 water water
#
loop_
_entity_poly.entity_id
_entity_poly.type
_entity_poly.pdbx_seq_one_letter_code
_entity_poly.pdbx_strand_id
1 'polypeptide(L)'
;DIQLTQSPDSLAVSLGERATINCKSSQSVFSRDNNKNYLAWYQHKSGQPPKLLFFWASSRESGVSDRFSGSGSGTDFTLT
IDNLQAEDVALYYCQHYFNTPHNFGQGTKLEIKRTVAAPSVFIFPPSDEQLKSGTASVVCLLNNFYPREAKVQWKVDNAL
QSGNSQESVTEQDSKDSTYSLSSTLTLSKADYEKHKVYACEVTHQGLSSPVTKSFNRGEC
;
L
2 'polypeptide(L)'
;QVQLVESGPEMRKPGESLKISCKTSGYIFSDYWTAWVRQLPGKGLQWMGIIYSGDSDTRYHPSVQGHVTMSTDSSLTTAY
LQWSSLKASDTGIYYCARLDARVDAGWQLDSWGQGTLVTVSSASTKGPSVFPLAPSSKSTSGGTAALGCLVKDYFPEPVT
VSWNSGALTSGVHTFPAVLQSSGLYSLSSVVTVPSSSLGTQTYICNVNHKPSNTKVDKRVEPKSCHHHHHH
;
H
3 'polypeptide(L)' HVPGGGSVQIVYKPVDLSKV T
#
# COMPACT_ATOMS: atom_id res chain seq x y z
N ASP A 1 -18.33 -24.50 2.00
CA ASP A 1 -17.26 -23.52 2.03
C ASP A 1 -16.02 -24.02 1.28
N ILE A 2 -15.70 -23.36 0.18
CA ILE A 2 -14.58 -23.77 -0.66
C ILE A 2 -13.37 -22.88 -0.41
N GLN A 3 -12.23 -23.51 -0.08
CA GLN A 3 -11.01 -22.77 0.20
C GLN A 3 -9.95 -23.00 -0.86
N LEU A 4 -9.13 -21.98 -1.07
CA LEU A 4 -8.05 -22.01 -2.06
C LEU A 4 -6.68 -21.93 -1.38
N THR A 5 -5.74 -22.74 -1.87
CA THR A 5 -4.39 -22.72 -1.33
C THR A 5 -3.40 -22.45 -2.44
N GLN A 6 -2.59 -21.43 -2.27
CA GLN A 6 -1.62 -21.05 -3.29
C GLN A 6 -0.25 -21.54 -2.92
N SER A 7 0.54 -21.87 -3.95
CA SER A 7 1.92 -22.27 -3.75
C SER A 7 2.78 -21.77 -4.90
N PRO A 8 3.96 -21.23 -4.58
CA PRO A 8 4.42 -21.04 -3.20
C PRO A 8 3.82 -19.80 -2.54
N ASP A 9 4.13 -19.57 -1.27
CA ASP A 9 3.67 -18.37 -0.58
C ASP A 9 4.45 -17.14 -1.04
N SER A 10 5.74 -17.34 -1.31
CA SER A 10 6.61 -16.27 -1.75
C SER A 10 7.46 -16.74 -2.90
N LEU A 11 7.92 -15.78 -3.70
CA LEU A 11 8.58 -16.07 -4.97
C LEU A 11 9.51 -14.93 -5.35
N ALA A 12 10.77 -15.25 -5.63
CA ALA A 12 11.73 -14.27 -6.13
C ALA A 12 12.26 -14.74 -7.48
N VAL A 13 11.94 -13.97 -8.52
CA VAL A 13 12.24 -14.36 -9.90
C VAL A 13 13.01 -13.24 -10.59
N SER A 14 14.01 -13.60 -11.40
CA SER A 14 14.81 -12.62 -12.12
C SER A 14 14.05 -12.02 -13.28
N LEU A 15 14.35 -10.77 -13.60
CA LEU A 15 13.80 -10.11 -14.78
C LEU A 15 13.97 -10.96 -16.04
N GLY A 16 12.92 -11.04 -16.85
CA GLY A 16 13.00 -11.73 -18.12
C GLY A 16 12.77 -13.22 -18.02
N GLU A 17 12.65 -13.74 -16.80
CA GLU A 17 12.37 -15.16 -16.61
C GLU A 17 10.88 -15.39 -16.36
N ARG A 18 10.48 -16.65 -16.13
CA ARG A 18 9.08 -16.99 -15.95
C ARG A 18 8.70 -17.25 -14.49
N ALA A 19 7.58 -16.68 -14.06
CA ALA A 19 7.07 -16.92 -12.73
C ALA A 19 5.82 -17.80 -12.81
N THR A 20 5.66 -18.69 -11.83
CA THR A 20 4.54 -19.63 -11.84
C THR A 20 3.90 -19.75 -10.47
N ILE A 21 2.61 -19.47 -10.40
CA ILE A 21 1.86 -19.60 -9.16
C ILE A 21 0.76 -20.64 -9.32
N ASN A 22 0.68 -21.57 -8.37
CA ASN A 22 -0.33 -22.61 -8.39
C ASN A 22 -1.47 -22.27 -7.44
N CYS A 23 -2.68 -22.70 -7.78
CA CYS A 23 -3.85 -22.50 -6.93
C CYS A 23 -4.67 -23.76 -6.88
N LYS A 24 -4.91 -24.29 -5.68
CA LYS A 24 -5.64 -25.53 -5.55
C LYS A 24 -6.90 -25.38 -4.69
N SER A 25 -8.01 -25.86 -5.23
CA SER A 25 -9.31 -25.72 -4.59
C SER A 25 -9.64 -26.97 -3.75
N SER A 26 -10.31 -26.76 -2.62
CA SER A 26 -10.70 -27.87 -1.75
C SER A 26 -11.88 -28.65 -2.35
N GLN A 27 -12.57 -28.01 -3.28
CA GLN A 27 -13.64 -28.65 -4.05
C GLN A 27 -13.56 -28.17 -5.49
N SER A 28 -13.94 -29.02 -6.44
CA SER A 28 -13.91 -28.61 -7.83
C SER A 28 -14.82 -27.42 -8.06
N VAL A 29 -14.39 -26.48 -8.89
CA VAL A 29 -15.20 -25.33 -9.22
C VAL A 29 -15.54 -25.35 -10.70
N PHE A 30 -15.45 -26.54 -11.29
CA PHE A 30 -15.80 -26.73 -12.69
C PHE A 30 -17.27 -27.10 -12.81
N SER A 31 -17.98 -26.43 -13.72
CA SER A 31 -19.37 -26.73 -13.99
C SER A 31 -19.52 -27.31 -15.39
N ARG A 32 -20.00 -28.55 -15.50
CA ARG A 32 -20.10 -29.21 -16.79
C ARG A 32 -21.24 -28.61 -17.60
N ASP A 33 -22.21 -28.03 -16.91
CA ASP A 33 -23.32 -27.32 -17.54
C ASP A 33 -22.75 -26.17 -18.37
N ASN A 34 -21.88 -25.41 -17.72
CA ASN A 34 -21.16 -24.28 -18.29
C ASN A 34 -20.00 -24.65 -19.20
N ASN A 35 -19.30 -25.72 -18.82
CA ASN A 35 -17.94 -26.00 -19.28
C ASN A 35 -17.04 -24.84 -18.87
N LYS A 36 -17.29 -24.30 -17.67
CA LYS A 36 -16.52 -23.19 -17.12
C LYS A 36 -15.99 -23.48 -15.72
N ASN A 37 -14.83 -22.92 -15.41
CA ASN A 37 -14.28 -22.95 -14.06
C ASN A 37 -14.54 -21.61 -13.39
N TYR A 38 -15.21 -21.64 -12.25
CA TYR A 38 -15.59 -20.41 -11.57
C TYR A 38 -14.44 -19.87 -10.74
N LEU A 39 -13.41 -19.40 -11.44
CA LEU A 39 -12.19 -18.94 -10.77
C LEU A 39 -11.62 -17.68 -11.42
N ALA A 40 -10.99 -16.84 -10.61
CA ALA A 40 -10.36 -15.62 -11.12
C ALA A 40 -8.97 -15.43 -10.52
N TRP A 41 -8.14 -14.67 -11.21
CA TRP A 41 -6.83 -14.28 -10.70
C TRP A 41 -6.75 -12.78 -10.58
N TYR A 42 -6.12 -12.30 -9.51
CA TYR A 42 -5.94 -10.87 -9.27
C TYR A 42 -4.48 -10.50 -9.01
N GLN A 43 -4.14 -9.27 -9.37
CA GLN A 43 -2.83 -8.69 -9.11
C GLN A 43 -3.01 -7.52 -8.15
N HIS A 44 -2.25 -7.52 -7.05
CA HIS A 44 -2.38 -6.44 -6.08
C HIS A 44 -1.03 -5.77 -5.88
N LYS A 45 -0.84 -4.64 -6.55
CA LYS A 45 0.39 -3.86 -6.41
C LYS A 45 0.26 -2.92 -5.22
N SER A 46 1.39 -2.57 -4.60
CA SER A 46 1.40 -1.63 -3.48
C SER A 46 0.82 -0.28 -3.89
N GLY A 47 -0.15 0.20 -3.12
CA GLY A 47 -0.74 1.51 -3.36
C GLY A 47 -1.83 1.49 -4.41
N GLN A 48 -2.12 0.31 -4.94
CA GLN A 48 -3.15 0.16 -5.94
C GLN A 48 -4.28 -0.75 -5.46
N PRO A 49 -5.50 -0.53 -5.95
CA PRO A 49 -6.52 -1.55 -5.70
C PRO A 49 -6.15 -2.83 -6.42
N PRO A 50 -6.66 -3.97 -5.97
CA PRO A 50 -6.46 -5.22 -6.71
C PRO A 50 -6.96 -5.08 -8.14
N LYS A 51 -6.35 -5.84 -9.05
CA LYS A 51 -6.67 -5.77 -10.47
C LYS A 51 -6.96 -7.17 -11.00
N LEU A 52 -8.08 -7.31 -11.68
CA LEU A 52 -8.47 -8.59 -12.27
C LEU A 52 -7.64 -8.93 -13.50
N LEU A 53 -7.04 -10.12 -13.49
CA LEU A 53 -6.22 -10.59 -14.59
C LEU A 53 -6.97 -11.59 -15.47
N PHE A 54 -7.58 -12.57 -14.81
CA PHE A 54 -8.26 -13.68 -15.49
C PHE A 54 -9.58 -14.01 -14.82
N PHE A 55 -10.57 -14.38 -15.63
CA PHE A 55 -11.81 -14.92 -15.10
C PHE A 55 -12.14 -16.17 -15.90
N TRP A 56 -13.12 -16.94 -15.42
CA TRP A 56 -13.36 -18.29 -15.92
C TRP A 56 -12.04 -19.06 -16.00
N ALA A 57 -11.18 -18.83 -15.02
CA ALA A 57 -9.86 -19.47 -14.90
C ALA A 57 -8.84 -19.05 -15.97
N SER A 58 -9.28 -18.93 -17.22
CA SER A 58 -8.35 -18.71 -18.32
C SER A 58 -8.73 -17.59 -19.31
N SER A 59 -9.81 -16.87 -19.06
CA SER A 59 -10.14 -15.76 -19.93
C SER A 59 -9.38 -14.51 -19.50
N ARG A 60 -8.52 -14.02 -20.38
CA ARG A 60 -7.70 -12.86 -20.08
C ARG A 60 -8.53 -11.59 -20.08
N GLU A 61 -8.40 -10.80 -19.01
CA GLU A 61 -9.08 -9.52 -18.94
C GLU A 61 -8.55 -8.56 -20.00
N SER A 62 -9.45 -7.82 -20.64
CA SER A 62 -9.06 -6.83 -21.62
C SER A 62 -8.04 -5.86 -21.04
N GLY A 63 -6.90 -5.72 -21.71
CA GLY A 63 -5.87 -4.81 -21.25
C GLY A 63 -4.77 -5.50 -20.47
N VAL A 64 -4.95 -6.79 -20.20
CA VAL A 64 -3.93 -7.57 -19.50
C VAL A 64 -2.91 -8.15 -20.48
N SER A 65 -1.64 -7.92 -20.19
CA SER A 65 -0.54 -8.34 -21.06
C SER A 65 -0.59 -9.80 -21.48
N ASP A 66 -0.08 -10.05 -22.68
CA ASP A 66 -0.01 -11.38 -23.27
C ASP A 66 0.98 -12.27 -22.53
N ARG A 67 1.85 -11.64 -21.74
CA ARG A 67 2.81 -12.37 -20.92
C ARG A 67 2.14 -13.19 -19.83
N PHE A 68 0.92 -12.79 -19.46
CA PHE A 68 0.17 -13.52 -18.44
C PHE A 68 -0.70 -14.58 -19.08
N SER A 69 -0.74 -15.76 -18.47
CA SER A 69 -1.67 -16.79 -18.92
C SER A 69 -2.21 -17.59 -17.74
N GLY A 70 -3.50 -17.90 -17.79
CA GLY A 70 -4.13 -18.70 -16.76
C GLY A 70 -4.57 -20.04 -17.32
N SER A 71 -4.33 -21.11 -16.57
CA SER A 71 -4.71 -22.44 -17.03
C SER A 71 -5.26 -23.28 -15.88
N GLY A 72 -5.69 -24.49 -16.19
CA GLY A 72 -6.20 -25.38 -15.16
C GLY A 72 -7.65 -25.77 -15.30
N SER A 73 -8.11 -26.63 -14.40
CA SER A 73 -9.49 -27.11 -14.41
C SER A 73 -9.81 -27.81 -13.10
N GLY A 74 -11.08 -27.77 -12.72
CA GLY A 74 -11.54 -28.44 -11.51
C GLY A 74 -10.99 -27.87 -10.21
N THR A 75 -9.91 -28.48 -9.72
CA THR A 75 -9.32 -28.11 -8.45
C THR A 75 -7.92 -27.53 -8.60
N ASP A 76 -7.39 -27.57 -9.82
CA ASP A 76 -5.97 -27.33 -10.04
C ASP A 76 -5.76 -26.23 -11.07
N PHE A 77 -5.28 -25.07 -10.61
CA PHE A 77 -5.11 -23.92 -11.50
C PHE A 77 -3.71 -23.31 -11.41
N THR A 78 -3.29 -22.66 -12.49
CA THR A 78 -1.96 -22.06 -12.57
C THR A 78 -1.99 -20.68 -13.21
N LEU A 79 -1.32 -19.72 -12.58
CA LEU A 79 -1.02 -18.45 -13.22
C LEU A 79 0.44 -18.42 -13.64
N THR A 80 0.68 -18.09 -14.91
CA THR A 80 2.04 -18.00 -15.43
C THR A 80 2.35 -16.59 -15.90
N ILE A 81 3.54 -16.10 -15.57
CA ILE A 81 3.99 -14.81 -16.07
C ILE A 81 5.32 -14.98 -16.79
N ASP A 82 5.30 -14.86 -18.11
CA ASP A 82 6.52 -15.01 -18.89
C ASP A 82 7.29 -13.69 -18.96
N ASN A 83 8.59 -13.77 -19.25
CA ASN A 83 9.40 -12.59 -19.50
C ASN A 83 9.16 -11.50 -18.45
N LEU A 84 9.46 -11.82 -17.20
CA LEU A 84 9.09 -10.98 -16.06
C LEU A 84 9.60 -9.55 -16.22
N GLN A 85 8.70 -8.60 -15.98
CA GLN A 85 9.03 -7.18 -16.05
C GLN A 85 8.99 -6.57 -14.66
N ALA A 86 9.60 -5.39 -14.53
CA ALA A 86 9.68 -4.72 -13.23
C ALA A 86 8.30 -4.46 -12.64
N GLU A 87 7.34 -4.12 -13.49
CA GLU A 87 6.01 -3.73 -13.05
C GLU A 87 5.16 -4.92 -12.58
N ASP A 88 5.68 -6.14 -12.72
CA ASP A 88 4.97 -7.32 -12.25
C ASP A 88 5.07 -7.53 -10.72
N VAL A 89 5.95 -6.78 -10.04
CA VAL A 89 6.08 -6.93 -8.59
C VAL A 89 4.74 -6.61 -7.91
N ALA A 90 4.24 -7.57 -7.14
CA ALA A 90 2.92 -7.49 -6.56
C ALA A 90 2.61 -8.76 -5.77
N LEU A 91 1.49 -8.72 -5.06
CA LEU A 91 0.89 -9.91 -4.48
C LEU A 91 -0.11 -10.45 -5.49
N TYR A 92 -0.20 -11.77 -5.62
CA TYR A 92 -1.14 -12.36 -6.56
C TYR A 92 -2.14 -13.24 -5.83
N TYR A 93 -3.39 -13.15 -6.23
CA TYR A 93 -4.48 -13.87 -5.58
C TYR A 93 -5.31 -14.63 -6.59
N CYS A 94 -5.70 -15.85 -6.23
CA CYS A 94 -6.78 -16.52 -6.94
C CYS A 94 -8.06 -16.39 -6.10
N GLN A 95 -9.21 -16.49 -6.75
CA GLN A 95 -10.49 -16.40 -6.08
C GLN A 95 -11.47 -17.31 -6.79
N HIS A 96 -12.33 -17.98 -6.03
CA HIS A 96 -13.38 -18.76 -6.65
C HIS A 96 -14.68 -18.02 -6.45
N TYR A 97 -15.63 -18.23 -7.35
CA TYR A 97 -16.96 -17.67 -7.18
C TYR A 97 -18.00 -18.71 -7.53
N PHE A 98 -17.66 -19.97 -7.23
CA PHE A 98 -18.52 -21.11 -7.50
C PHE A 98 -19.75 -21.08 -6.59
N ASN A 99 -19.52 -20.87 -5.31
CA ASN A 99 -20.62 -20.63 -4.38
C ASN A 99 -20.18 -19.62 -3.32
N THR A 100 -21.11 -19.21 -2.47
CA THR A 100 -20.78 -18.22 -1.46
C THR A 100 -20.37 -18.90 -0.17
N PRO A 101 -19.35 -18.37 0.53
CA PRO A 101 -18.59 -17.16 0.20
C PRO A 101 -17.55 -17.34 -0.91
N HIS A 102 -17.36 -16.29 -1.72
CA HIS A 102 -16.36 -16.28 -2.79
C HIS A 102 -14.94 -16.07 -2.27
N ASN A 103 -14.30 -17.12 -1.75
CA ASN A 103 -13.03 -16.98 -1.06
C ASN A 103 -11.81 -16.75 -1.96
N PHE A 104 -10.85 -16.02 -1.42
CA PHE A 104 -9.56 -15.81 -2.05
C PHE A 104 -8.52 -16.80 -1.53
N GLY A 105 -7.54 -17.14 -2.35
CA GLY A 105 -6.37 -17.86 -1.85
C GLY A 105 -5.60 -16.93 -0.92
N GLN A 106 -4.59 -17.46 -0.24
CA GLN A 106 -3.95 -16.67 0.82
C GLN A 106 -3.00 -15.61 0.26
N GLY A 107 -2.69 -15.72 -1.03
CA GLY A 107 -1.85 -14.73 -1.69
C GLY A 107 -0.43 -15.20 -1.86
N THR A 108 0.18 -14.78 -2.96
CA THR A 108 1.57 -15.09 -3.25
C THR A 108 2.32 -13.80 -3.54
N LYS A 109 3.37 -13.54 -2.76
CA LYS A 109 4.19 -12.34 -2.94
C LYS A 109 5.29 -12.57 -3.99
N LEU A 110 5.25 -11.82 -5.08
CA LEU A 110 6.25 -11.94 -6.13
C LEU A 110 7.32 -10.85 -6.03
N GLU A 111 8.55 -11.26 -5.77
CA GLU A 111 9.66 -10.33 -5.69
C GLU A 111 10.48 -10.40 -6.97
N ILE A 112 10.97 -9.25 -7.42
CA ILE A 112 11.82 -9.20 -8.60
C ILE A 112 13.29 -9.21 -8.22
N LYS A 113 14.05 -10.10 -8.85
CA LYS A 113 15.49 -10.12 -8.66
C LYS A 113 16.16 -9.35 -9.79
N ARG A 114 16.85 -8.27 -9.43
CA ARG A 114 17.59 -7.47 -10.40
C ARG A 114 19.07 -7.51 -10.05
N THR A 115 19.88 -6.76 -10.77
CA THR A 115 21.31 -6.72 -10.49
C THR A 115 21.55 -6.00 -9.16
N VAL A 116 22.70 -6.26 -8.55
CA VAL A 116 23.07 -5.61 -7.31
C VAL A 116 23.28 -4.11 -7.52
N ALA A 117 22.65 -3.29 -6.69
CA ALA A 117 22.77 -1.85 -6.77
C ALA A 117 23.06 -1.26 -5.40
N ALA A 118 24.16 -0.51 -5.28
CA ALA A 118 24.54 0.07 -4.00
C ALA A 118 23.65 1.26 -3.67
N PRO A 119 23.38 1.49 -2.37
CA PRO A 119 22.56 2.64 -2.01
C PRO A 119 23.30 3.96 -2.23
N SER A 120 22.56 4.98 -2.65
CA SER A 120 23.05 6.34 -2.63
C SER A 120 22.66 6.93 -1.29
N VAL A 121 23.58 7.56 -0.59
CA VAL A 121 23.33 7.98 0.79
C VAL A 121 23.25 9.51 0.93
N PHE A 122 22.20 9.98 1.59
CA PHE A 122 21.97 11.40 1.81
C PHE A 122 21.64 11.61 3.28
N ILE A 123 22.07 12.73 3.85
CA ILE A 123 21.73 13.02 5.23
C ILE A 123 21.13 14.42 5.37
N PHE A 124 20.22 14.56 6.32
CA PHE A 124 19.52 15.83 6.57
C PHE A 124 19.62 16.22 8.04
N PRO A 125 20.31 17.34 8.33
CA PRO A 125 20.25 17.89 9.68
C PRO A 125 18.82 18.30 10.02
N PRO A 126 18.47 18.39 11.31
CA PRO A 126 17.13 18.86 11.65
C PRO A 126 16.87 20.25 11.08
N SER A 127 15.62 20.51 10.69
CA SER A 127 15.23 21.83 10.22
C SER A 127 15.22 22.83 11.37
N ASP A 128 15.34 24.11 11.05
CA ASP A 128 15.24 25.17 12.05
C ASP A 128 13.82 25.17 12.63
N GLU A 129 12.86 24.82 11.79
CA GLU A 129 11.46 24.71 12.21
C GLU A 129 11.29 23.71 13.35
N GLN A 130 11.83 22.51 13.18
CA GLN A 130 11.69 21.47 14.20
C GLN A 130 12.42 21.84 15.49
N LEU A 131 13.63 22.36 15.35
CA LEU A 131 14.44 22.74 16.50
C LEU A 131 13.74 23.77 17.39
N LYS A 132 12.98 24.66 16.76
CA LYS A 132 12.23 25.68 17.49
C LYS A 132 11.17 25.04 18.39
N SER A 133 10.70 23.85 18.00
CA SER A 133 9.69 23.14 18.79
C SER A 133 10.32 22.24 19.85
N GLY A 134 11.64 22.23 19.93
CA GLY A 134 12.34 21.53 21.00
C GLY A 134 12.90 20.15 20.68
N THR A 135 12.73 19.68 19.45
CA THR A 135 13.24 18.36 19.09
C THR A 135 14.07 18.39 17.81
N ALA A 136 15.00 17.44 17.71
CA ALA A 136 15.84 17.35 16.53
C ALA A 136 15.79 15.94 15.96
N SER A 137 15.32 15.83 14.73
CA SER A 137 15.37 14.58 13.99
C SER A 137 16.41 14.67 12.89
N VAL A 138 17.36 13.76 12.90
CA VAL A 138 18.35 13.70 11.82
C VAL A 138 17.97 12.55 10.92
N VAL A 139 17.81 12.83 9.63
CA VAL A 139 17.34 11.81 8.71
C VAL A 139 18.45 11.36 7.77
N CYS A 140 18.66 10.05 7.72
CA CYS A 140 19.61 9.44 6.80
C CYS A 140 18.85 8.63 5.76
N LEU A 141 19.07 8.93 4.49
CA LEU A 141 18.37 8.26 3.40
C LEU A 141 19.30 7.38 2.57
N LEU A 142 18.91 6.11 2.44
CA LEU A 142 19.63 5.16 1.58
C LEU A 142 18.75 4.91 0.38
N ASN A 143 19.16 5.37 -0.80
CA ASN A 143 18.25 5.37 -1.93
C ASN A 143 18.59 4.35 -2.99
N ASN A 144 17.56 3.64 -3.44
CA ASN A 144 17.61 2.83 -4.67
C ASN A 144 18.69 1.76 -4.66
N PHE A 145 18.60 0.84 -3.71
CA PHE A 145 19.54 -0.26 -3.61
C PHE A 145 18.86 -1.61 -3.81
N TYR A 146 19.66 -2.62 -4.15
CA TYR A 146 19.22 -4.00 -4.25
C TYR A 146 20.42 -4.92 -4.00
N PRO A 147 20.22 -6.01 -3.24
CA PRO A 147 18.97 -6.41 -2.59
C PRO A 147 18.66 -5.66 -1.31
N ARG A 148 17.63 -6.14 -0.60
CA ARG A 148 16.99 -5.41 0.47
C ARG A 148 17.85 -5.23 1.72
N GLU A 149 18.73 -6.20 2.00
CA GLU A 149 19.56 -6.17 3.20
C GLU A 149 20.51 -4.97 3.22
N ALA A 150 20.24 -4.02 4.11
CA ALA A 150 21.08 -2.85 4.26
C ALA A 150 21.06 -2.45 5.72
N LYS A 151 22.22 -2.09 6.27
CA LYS A 151 22.28 -1.70 7.67
C LYS A 151 22.77 -0.27 7.86
N VAL A 152 22.21 0.39 8.86
CA VAL A 152 22.59 1.75 9.22
C VAL A 152 22.99 1.82 10.68
N GLN A 153 24.13 2.43 10.94
CA GLN A 153 24.54 2.70 12.32
C GLN A 153 24.79 4.19 12.49
N TRP A 154 24.30 4.73 13.60
CA TRP A 154 24.48 6.14 13.91
C TRP A 154 25.65 6.35 14.86
N LYS A 155 26.51 7.30 14.52
CA LYS A 155 27.62 7.68 15.39
C LYS A 155 27.55 9.17 15.65
N VAL A 156 27.66 9.55 16.92
CA VAL A 156 27.63 10.95 17.31
C VAL A 156 28.91 11.30 18.06
N ASP A 157 29.70 12.20 17.50
CA ASP A 157 31.06 12.45 17.96
C ASP A 157 31.83 11.13 18.07
N ASN A 158 31.68 10.31 17.03
CA ASN A 158 32.30 9.00 16.90
C ASN A 158 31.87 7.96 17.96
N ALA A 159 30.82 8.28 18.71
CA ALA A 159 30.27 7.31 19.66
C ALA A 159 29.07 6.59 19.04
N LEU A 160 29.10 5.26 19.09
CA LEU A 160 28.00 4.46 18.55
C LEU A 160 26.71 4.73 19.30
N GLN A 161 25.63 4.97 18.56
CA GLN A 161 24.34 5.26 19.16
C GLN A 161 23.50 4.01 19.28
N SER A 162 22.65 3.97 20.30
CA SER A 162 21.72 2.86 20.46
C SER A 162 20.43 3.32 21.11
N GLY A 163 19.30 2.94 20.52
CA GLY A 163 18.00 3.14 21.14
C GLY A 163 17.37 4.51 20.94
N ASN A 164 17.86 5.25 19.95
CA ASN A 164 17.33 6.58 19.68
C ASN A 164 17.04 6.81 18.21
N SER A 165 16.90 5.72 17.45
CA SER A 165 16.62 5.85 16.02
C SER A 165 15.55 4.87 15.56
N GLN A 166 14.90 5.19 14.45
CA GLN A 166 13.88 4.32 13.85
C GLN A 166 14.14 4.23 12.36
N GLU A 167 13.85 3.06 11.78
CA GLU A 167 14.05 2.95 10.35
C GLU A 167 12.85 2.31 9.66
N SER A 168 12.73 2.59 8.37
CA SER A 168 11.63 2.09 7.57
C SER A 168 12.11 1.83 6.14
N VAL A 169 11.62 0.76 5.55
CA VAL A 169 12.02 0.35 4.22
C VAL A 169 10.81 0.42 3.29
N THR A 170 11.01 0.88 2.07
CA THR A 170 9.92 0.92 1.10
C THR A 170 9.58 -0.47 0.58
N GLU A 171 8.45 -0.58 -0.12
CA GLU A 171 8.18 -1.75 -0.91
C GLU A 171 9.11 -1.72 -2.12
N GLN A 172 9.21 -2.83 -2.85
CA GLN A 172 10.07 -2.84 -4.02
C GLN A 172 9.48 -1.95 -5.10
N ASP A 173 10.33 -1.14 -5.72
CA ASP A 173 9.88 -0.17 -6.74
C ASP A 173 9.41 -0.86 -8.04
N SER A 174 8.32 -0.35 -8.61
CA SER A 174 7.73 -0.94 -9.82
C SER A 174 8.50 -0.62 -11.09
N LYS A 175 9.37 0.38 -11.04
CA LYS A 175 10.10 0.80 -12.23
C LYS A 175 11.51 0.25 -12.26
N ASP A 176 12.26 0.38 -11.17
CA ASP A 176 13.65 -0.03 -11.17
C ASP A 176 13.96 -1.18 -10.21
N SER A 177 12.90 -1.71 -9.58
CA SER A 177 13.01 -2.90 -8.74
C SER A 177 13.95 -2.75 -7.54
N THR A 178 14.14 -1.52 -7.07
CA THR A 178 15.02 -1.30 -5.92
C THR A 178 14.22 -1.02 -4.65
N TYR A 179 14.94 -0.92 -3.55
CA TYR A 179 14.39 -0.52 -2.25
C TYR A 179 15.05 0.78 -1.82
N SER A 180 14.40 1.50 -0.91
CA SER A 180 14.99 2.66 -0.27
C SER A 180 14.72 2.52 1.20
N LEU A 181 15.57 3.14 2.02
CA LEU A 181 15.48 3.00 3.46
C LEU A 181 15.70 4.36 4.10
N SER A 182 14.90 4.68 5.11
CA SER A 182 15.14 5.88 5.90
C SER A 182 15.44 5.51 7.34
N SER A 183 16.49 6.12 7.88
CA SER A 183 16.78 5.99 9.30
C SER A 183 16.75 7.37 9.95
N THR A 184 15.98 7.50 11.02
CA THR A 184 15.84 8.79 11.66
C THR A 184 16.34 8.74 13.10
N LEU A 185 17.34 9.56 13.39
CA LEU A 185 17.83 9.71 14.74
C LEU A 185 17.07 10.85 15.41
N THR A 186 16.42 10.58 16.54
CA THR A 186 15.63 11.61 17.19
C THR A 186 16.15 11.92 18.57
N LEU A 187 16.46 13.19 18.80
CA LEU A 187 16.98 13.65 20.07
C LEU A 187 16.24 14.89 20.51
N SER A 188 16.35 15.24 21.79
CA SER A 188 15.85 16.52 22.25
C SER A 188 16.75 17.60 21.68
N LYS A 189 16.29 18.85 21.70
CA LYS A 189 17.10 19.95 21.19
C LYS A 189 18.34 20.13 22.05
N ALA A 190 18.15 20.00 23.37
CA ALA A 190 19.25 20.12 24.32
C ALA A 190 20.29 19.03 24.10
N ASP A 191 19.83 17.80 23.87
CA ASP A 191 20.73 16.69 23.60
C ASP A 191 21.45 16.89 22.28
N TYR A 192 20.71 17.35 21.27
CA TYR A 192 21.28 17.57 19.95
C TYR A 192 22.43 18.57 20.00
N GLU A 193 22.38 19.50 20.96
CA GLU A 193 23.36 20.57 21.06
C GLU A 193 24.59 20.20 21.90
N LYS A 194 24.59 19.04 22.53
CA LYS A 194 25.76 18.60 23.29
C LYS A 194 26.88 18.14 22.36
N HIS A 195 26.54 17.92 21.09
CA HIS A 195 27.46 17.24 20.18
C HIS A 195 27.68 17.95 18.85
N LYS A 196 28.80 17.64 18.21
CA LYS A 196 29.20 18.31 16.98
C LYS A 196 28.95 17.46 15.74
N VAL A 197 29.55 16.28 15.68
CA VAL A 197 29.54 15.46 14.48
C VAL A 197 28.45 14.39 14.51
N TYR A 198 27.53 14.46 13.55
CA TYR A 198 26.50 13.44 13.39
C TYR A 198 26.74 12.65 12.12
N ALA A 199 26.84 11.32 12.26
CA ALA A 199 27.27 10.47 11.16
C ALA A 199 26.36 9.26 10.98
N CYS A 200 25.99 9.01 9.73
CA CYS A 200 25.26 7.80 9.34
C CYS A 200 26.19 6.86 8.59
N GLU A 201 26.37 5.64 9.09
CA GLU A 201 27.26 4.68 8.46
C GLU A 201 26.46 3.54 7.84
N VAL A 202 26.67 3.33 6.54
CA VAL A 202 25.83 2.43 5.77
C VAL A 202 26.60 1.22 5.27
N THR A 203 26.02 0.04 5.46
CA THR A 203 26.58 -1.19 4.90
C THR A 203 25.58 -1.86 3.95
N HIS A 204 26.07 -2.31 2.80
CA HIS A 204 25.26 -3.01 1.82
C HIS A 204 26.21 -3.84 0.96
N GLN A 205 25.71 -4.95 0.41
CA GLN A 205 26.60 -5.86 -0.31
C GLN A 205 27.12 -5.29 -1.63
N GLY A 206 26.48 -4.22 -2.11
CA GLY A 206 26.93 -3.52 -3.31
C GLY A 206 28.03 -2.52 -3.02
N LEU A 207 28.38 -2.40 -1.74
CA LEU A 207 29.49 -1.57 -1.29
C LEU A 207 30.63 -2.45 -0.78
N SER A 208 31.86 -2.02 -1.03
CA SER A 208 33.01 -2.80 -0.58
C SER A 208 33.42 -2.41 0.84
N SER A 209 32.98 -1.22 1.26
CA SER A 209 33.23 -0.76 2.61
C SER A 209 32.02 0.01 3.13
N PRO A 210 31.87 0.06 4.46
CA PRO A 210 30.86 0.93 5.07
C PRO A 210 31.02 2.37 4.61
N VAL A 211 29.95 2.93 4.06
CA VAL A 211 29.94 4.33 3.63
C VAL A 211 29.42 5.21 4.75
N THR A 212 30.16 6.28 5.04
CA THR A 212 29.77 7.21 6.08
C THR A 212 29.35 8.55 5.48
N LYS A 213 28.20 9.05 5.91
CA LYS A 213 27.77 10.39 5.55
C LYS A 213 27.60 11.17 6.84
N SER A 214 28.28 12.31 6.97
CA SER A 214 28.22 13.04 8.21
C SER A 214 28.17 14.55 7.99
N PHE A 215 27.82 15.28 9.04
CA PHE A 215 27.86 16.74 9.07
C PHE A 215 28.20 17.22 10.46
N ASN A 216 28.74 18.44 10.54
CA ASN A 216 28.91 19.11 11.82
C ASN A 216 27.69 19.96 12.11
N ARG A 217 27.17 19.87 13.32
CA ARG A 217 26.01 20.64 13.72
C ARG A 217 26.24 22.14 13.51
N GLY A 218 25.25 22.82 12.92
CA GLY A 218 25.33 24.25 12.72
C GLY A 218 26.06 24.66 11.46
N GLU A 219 26.22 23.74 10.52
CA GLU A 219 26.87 24.07 9.24
C GLU A 219 25.92 23.82 8.06
N GLN B 1 -16.55 5.86 -18.09
CA GLN B 1 -15.53 5.73 -17.06
C GLN B 1 -16.09 5.06 -15.81
N VAL B 2 -15.88 3.74 -15.71
CA VAL B 2 -16.33 3.00 -14.53
C VAL B 2 -15.56 3.45 -13.31
N GLN B 3 -16.29 3.80 -12.25
CA GLN B 3 -15.65 4.26 -11.03
C GLN B 3 -16.40 3.83 -9.78
N LEU B 4 -15.65 3.36 -8.79
CA LEU B 4 -16.17 3.15 -7.45
C LEU B 4 -15.28 3.94 -6.51
N VAL B 5 -15.87 4.90 -5.81
CA VAL B 5 -15.10 5.76 -4.93
C VAL B 5 -15.62 5.63 -3.51
N GLU B 6 -14.75 5.26 -2.58
CA GLU B 6 -15.18 5.06 -1.20
C GLU B 6 -14.92 6.29 -0.36
N SER B 7 -15.63 6.39 0.76
CA SER B 7 -15.45 7.52 1.66
C SER B 7 -14.04 7.48 2.26
N GLY B 8 -13.60 8.61 2.80
CA GLY B 8 -12.26 8.75 3.32
C GLY B 8 -12.02 7.91 4.56
N PRO B 9 -10.77 7.89 5.04
CA PRO B 9 -10.41 7.13 6.24
C PRO B 9 -11.17 7.65 7.45
N GLU B 10 -11.57 6.74 8.34
CA GLU B 10 -12.38 7.12 9.49
C GLU B 10 -11.81 6.55 10.78
N MET B 11 -12.12 7.22 11.88
CA MET B 11 -11.63 6.86 13.19
C MET B 11 -12.77 6.89 14.21
N ARG B 12 -12.96 5.77 14.92
CA ARG B 12 -14.00 5.69 15.94
C ARG B 12 -13.48 4.99 17.19
N LYS B 13 -14.15 5.18 18.31
CA LYS B 13 -13.87 4.43 19.52
C LYS B 13 -14.63 3.11 19.48
N PRO B 14 -14.11 2.08 20.17
CA PRO B 14 -14.83 0.79 20.21
C PRO B 14 -16.24 0.95 20.76
N GLY B 15 -17.19 0.20 20.19
CA GLY B 15 -18.57 0.27 20.62
C GLY B 15 -19.39 1.27 19.85
N GLU B 16 -18.72 2.19 19.17
CA GLU B 16 -19.40 3.21 18.38
C GLU B 16 -19.85 2.67 17.03
N SER B 17 -20.79 3.36 16.39
CA SER B 17 -21.30 2.97 15.09
C SER B 17 -20.49 3.62 13.98
N LEU B 18 -20.48 2.99 12.81
CA LEU B 18 -19.85 3.58 11.64
C LEU B 18 -20.47 3.03 10.37
N LYS B 19 -20.70 3.91 9.41
CA LYS B 19 -21.16 3.53 8.09
C LYS B 19 -20.25 4.17 7.07
N ILE B 20 -19.64 3.33 6.22
CA ILE B 20 -18.82 3.84 5.13
C ILE B 20 -19.53 3.61 3.81
N SER B 21 -19.11 4.33 2.77
CA SER B 21 -19.88 4.35 1.54
C SER B 21 -19.03 4.06 0.32
N CYS B 22 -19.71 3.58 -0.72
CA CYS B 22 -19.09 3.26 -1.99
C CYS B 22 -19.94 3.89 -3.08
N LYS B 23 -19.51 5.06 -3.56
CA LYS B 23 -20.24 5.78 -4.62
C LYS B 23 -19.84 5.25 -6.00
N THR B 24 -20.80 4.69 -6.71
CA THR B 24 -20.52 4.13 -8.02
C THR B 24 -20.99 5.05 -9.14
N SER B 25 -20.26 5.05 -10.24
CA SER B 25 -20.67 5.83 -11.40
C SER B 25 -20.10 5.23 -12.68
N GLY B 26 -20.68 5.63 -13.81
CA GLY B 26 -20.17 5.19 -15.10
C GLY B 26 -20.75 3.86 -15.55
N TYR B 27 -21.69 3.32 -14.78
CA TYR B 27 -22.40 2.10 -15.18
C TYR B 27 -23.76 2.01 -14.49
N ILE B 28 -24.61 1.12 -15.02
CA ILE B 28 -25.93 0.93 -14.43
C ILE B 28 -25.81 0.15 -13.13
N PHE B 29 -26.21 0.79 -12.04
CA PHE B 29 -26.10 0.22 -10.70
C PHE B 29 -26.81 -1.12 -10.59
N SER B 30 -27.98 -1.21 -11.23
CA SER B 30 -28.83 -2.39 -11.11
C SER B 30 -28.33 -3.57 -11.95
N ASP B 31 -27.28 -3.35 -12.73
CA ASP B 31 -26.70 -4.42 -13.54
C ASP B 31 -25.58 -5.15 -12.81
N TYR B 32 -25.30 -4.73 -11.58
CA TYR B 32 -24.21 -5.30 -10.80
C TYR B 32 -24.56 -5.45 -9.31
N TRP B 33 -23.91 -6.40 -8.65
CA TRP B 33 -23.83 -6.40 -7.18
C TRP B 33 -22.68 -5.48 -6.77
N THR B 34 -22.69 -5.06 -5.51
CA THR B 34 -21.51 -4.45 -4.92
C THR B 34 -20.96 -5.39 -3.87
N ALA B 35 -19.66 -5.64 -3.93
CA ALA B 35 -18.98 -6.50 -2.96
C ALA B 35 -18.13 -5.66 -2.03
N TRP B 36 -17.97 -6.14 -0.80
CA TRP B 36 -17.03 -5.56 0.14
C TRP B 36 -15.95 -6.59 0.46
N VAL B 37 -14.70 -6.13 0.43
CA VAL B 37 -13.54 -6.98 0.65
C VAL B 37 -12.62 -6.32 1.66
N ARG B 38 -12.20 -7.08 2.66
CA ARG B 38 -11.26 -6.60 3.65
C ARG B 38 -9.83 -7.01 3.31
N GLN B 39 -8.91 -6.06 3.39
CA GLN B 39 -7.50 -6.36 3.17
C GLN B 39 -6.85 -6.67 4.51
N LEU B 40 -6.24 -7.84 4.61
CA LEU B 40 -5.59 -8.24 5.85
C LEU B 40 -4.15 -7.70 5.91
N PRO B 41 -3.67 -7.39 7.12
CA PRO B 41 -2.28 -6.97 7.29
C PRO B 41 -1.30 -8.01 6.76
N GLY B 42 -0.24 -7.53 6.11
CA GLY B 42 0.76 -8.41 5.53
C GLY B 42 0.33 -8.99 4.21
N LYS B 43 -0.70 -9.82 4.25
CA LYS B 43 -1.16 -10.54 3.06
C LYS B 43 -2.57 -11.07 3.27
N GLY B 44 -3.38 -11.08 2.22
CA GLY B 44 -4.70 -11.67 2.29
C GLY B 44 -5.85 -10.74 2.00
N LEU B 45 -6.92 -11.30 1.44
CA LEU B 45 -8.14 -10.57 1.16
C LEU B 45 -9.30 -11.37 1.72
N GLN B 46 -10.24 -10.70 2.37
CA GLN B 46 -11.44 -11.39 2.83
C GLN B 46 -12.66 -10.88 2.09
N TRP B 47 -13.32 -11.79 1.38
CA TRP B 47 -14.60 -11.50 0.75
C TRP B 47 -15.65 -11.41 1.85
N MET B 48 -16.20 -10.22 2.07
CA MET B 48 -17.12 -10.05 3.21
C MET B 48 -18.57 -10.27 2.81
N GLY B 49 -18.88 -10.00 1.55
CA GLY B 49 -20.23 -10.20 1.07
C GLY B 49 -20.59 -9.31 -0.09
N ILE B 50 -21.83 -9.47 -0.56
CA ILE B 50 -22.34 -8.74 -1.71
C ILE B 50 -23.75 -8.28 -1.46
N ILE B 51 -24.15 -7.19 -2.10
CA ILE B 51 -25.52 -6.72 -1.97
C ILE B 51 -26.02 -6.27 -3.33
N TYR B 52 -27.25 -6.66 -3.67
CA TYR B 52 -27.88 -6.23 -4.91
C TYR B 52 -28.92 -5.15 -4.64
N SER B 53 -28.77 -4.01 -5.31
CA SER B 53 -29.59 -2.83 -5.05
C SER B 53 -31.03 -3.00 -5.51
N GLY B 54 -31.26 -3.88 -6.48
CA GLY B 54 -32.59 -4.06 -7.02
C GLY B 54 -33.61 -4.65 -6.07
N ASP B 55 -33.13 -5.36 -5.04
CA ASP B 55 -34.02 -6.03 -4.11
C ASP B 55 -33.41 -6.21 -2.72
N SER B 56 -32.30 -5.53 -2.47
CA SER B 56 -31.60 -5.56 -1.20
C SER B 56 -31.09 -6.95 -0.82
N ASP B 57 -31.02 -7.85 -1.81
CA ASP B 57 -30.49 -9.18 -1.57
C ASP B 57 -29.04 -9.09 -1.11
N THR B 58 -28.75 -9.72 0.03
CA THR B 58 -27.41 -9.71 0.60
C THR B 58 -26.90 -11.13 0.81
N ARG B 59 -25.62 -11.34 0.53
CA ARG B 59 -24.95 -12.58 0.91
C ARG B 59 -23.74 -12.22 1.74
N TYR B 60 -23.73 -12.60 3.01
CA TYR B 60 -22.60 -12.28 3.89
C TYR B 60 -21.67 -13.46 4.05
N HIS B 61 -20.38 -13.19 4.18
CA HIS B 61 -19.46 -14.22 4.65
C HIS B 61 -19.91 -14.61 6.06
N PRO B 62 -20.00 -15.92 6.32
CA PRO B 62 -20.42 -16.42 7.65
C PRO B 62 -19.66 -15.81 8.82
N SER B 63 -18.41 -15.41 8.61
CA SER B 63 -17.58 -14.94 9.71
C SER B 63 -17.80 -13.45 9.99
N VAL B 64 -18.45 -12.75 9.07
CA VAL B 64 -18.85 -11.38 9.36
C VAL B 64 -20.36 -11.27 9.55
N GLN B 65 -21.11 -12.34 9.29
CA GLN B 65 -22.55 -12.31 9.47
C GLN B 65 -22.87 -11.86 10.89
N GLY B 66 -23.70 -10.84 10.99
CA GLY B 66 -24.22 -10.49 12.28
C GLY B 66 -23.42 -9.37 12.92
N HIS B 67 -22.22 -9.13 12.39
CA HIS B 67 -21.39 -8.05 12.88
C HIS B 67 -21.42 -6.83 11.97
N VAL B 68 -21.62 -7.05 10.67
CA VAL B 68 -21.73 -5.94 9.74
C VAL B 68 -23.02 -6.01 8.94
N THR B 69 -23.46 -4.86 8.44
CA THR B 69 -24.66 -4.78 7.62
C THR B 69 -24.34 -4.08 6.32
N MET B 70 -24.95 -4.53 5.23
CA MET B 70 -24.81 -3.84 3.96
C MET B 70 -26.13 -3.19 3.56
N SER B 71 -26.04 -2.06 2.88
CA SER B 71 -27.21 -1.36 2.39
C SER B 71 -26.85 -0.59 1.14
N THR B 72 -27.86 -0.16 0.38
CA THR B 72 -27.63 0.62 -0.82
C THR B 72 -28.62 1.77 -0.94
N ASP B 73 -28.19 2.82 -1.64
CA ASP B 73 -29.08 3.88 -2.06
C ASP B 73 -29.01 3.92 -3.58
N SER B 74 -30.01 3.35 -4.23
CA SER B 74 -30.02 3.25 -5.68
C SER B 74 -30.13 4.64 -6.31
N SER B 75 -30.88 5.52 -5.65
CA SER B 75 -30.99 6.90 -6.09
C SER B 75 -29.63 7.61 -6.14
N LEU B 76 -28.75 7.24 -5.22
CA LEU B 76 -27.41 7.81 -5.18
C LEU B 76 -26.40 6.86 -5.79
N THR B 77 -26.89 5.77 -6.37
CA THR B 77 -26.06 4.63 -6.82
C THR B 77 -24.89 4.38 -5.87
N THR B 78 -25.19 4.27 -4.57
CA THR B 78 -24.17 4.10 -3.54
C THR B 78 -24.45 2.84 -2.71
N ALA B 79 -23.39 2.12 -2.35
CA ALA B 79 -23.53 1.00 -1.42
C ALA B 79 -22.87 1.36 -0.10
N TYR B 80 -23.35 0.76 0.99
CA TYR B 80 -22.83 1.08 2.31
C TYR B 80 -22.40 -0.15 3.09
N LEU B 81 -21.30 0.00 3.81
CA LEU B 81 -20.91 -1.01 4.79
C LEU B 81 -21.11 -0.43 6.22
N GLN B 82 -21.96 -1.10 7.02
CA GLN B 82 -22.33 -0.75 8.42
C GLN B 82 -21.82 -1.62 9.57
N TRP B 83 -21.31 -0.95 10.59
CA TRP B 83 -21.07 -1.56 11.90
C TRP B 83 -21.90 -0.85 12.97
N SER B 84 -22.68 -1.60 13.75
CA SER B 84 -23.46 -0.98 14.81
C SER B 84 -22.61 -0.72 16.06
N SER B 85 -21.61 -1.57 16.30
CA SER B 85 -20.66 -1.30 17.37
C SER B 85 -19.30 -1.92 17.05
N LEU B 86 -18.33 -1.06 16.80
CA LEU B 86 -17.01 -1.45 16.33
C LEU B 86 -16.15 -2.05 17.43
N LYS B 87 -15.29 -2.98 17.04
CA LYS B 87 -14.25 -3.51 17.91
C LYS B 87 -12.92 -2.97 17.44
N ALA B 88 -11.94 -2.89 18.34
CA ALA B 88 -10.61 -2.43 17.96
C ALA B 88 -10.02 -3.30 16.85
N SER B 89 -10.43 -4.56 16.83
CA SER B 89 -9.96 -5.51 15.82
C SER B 89 -10.70 -5.38 14.47
N ASP B 90 -11.64 -4.44 14.37
CA ASP B 90 -12.28 -4.13 13.09
C ASP B 90 -11.40 -3.20 12.26
N THR B 91 -10.34 -2.69 12.89
CA THR B 91 -9.40 -1.81 12.20
C THR B 91 -8.84 -2.47 10.96
N GLY B 92 -8.87 -1.74 9.84
CA GLY B 92 -8.30 -2.26 8.62
C GLY B 92 -8.75 -1.55 7.36
N ILE B 93 -8.23 -2.00 6.23
CA ILE B 93 -8.57 -1.41 4.95
C ILE B 93 -9.73 -2.19 4.35
N TYR B 94 -10.74 -1.46 3.89
CA TYR B 94 -11.91 -2.08 3.29
C TYR B 94 -12.11 -1.60 1.86
N TYR B 95 -12.26 -2.57 0.96
CA TYR B 95 -12.49 -2.30 -0.46
C TYR B 95 -13.94 -2.56 -0.85
N CYS B 96 -14.43 -1.81 -1.82
CA CYS B 96 -15.66 -2.21 -2.48
C CYS B 96 -15.32 -2.55 -3.92
N ALA B 97 -16.15 -3.36 -4.56
CA ALA B 97 -15.90 -3.79 -5.93
C ALA B 97 -17.23 -4.16 -6.57
N ARG B 98 -17.27 -4.23 -7.89
CA ARG B 98 -18.52 -4.56 -8.56
C ARG B 98 -18.48 -5.97 -9.15
N LEU B 99 -19.66 -6.58 -9.24
CA LEU B 99 -19.82 -7.97 -9.61
C LEU B 99 -21.00 -8.04 -10.59
N ASP B 100 -20.82 -8.69 -11.74
CA ASP B 100 -21.85 -8.67 -12.80
C ASP B 100 -23.08 -9.47 -12.36
N ALA B 101 -24.27 -8.86 -12.47
CA ALA B 101 -25.52 -9.49 -12.04
C ALA B 101 -26.35 -9.93 -13.23
N ARG B 102 -25.77 -9.86 -14.42
CA ARG B 102 -26.47 -10.24 -15.62
C ARG B 102 -26.29 -11.73 -15.90
N VAL B 103 -27.29 -12.32 -16.56
CA VAL B 103 -27.33 -13.76 -16.77
C VAL B 103 -26.15 -14.23 -17.62
N ASP B 104 -25.60 -15.39 -17.24
CA ASP B 104 -24.46 -16.04 -17.90
C ASP B 104 -23.14 -15.32 -17.64
N ALA B 105 -23.16 -14.25 -16.86
CA ALA B 105 -21.94 -13.56 -16.50
C ALA B 105 -21.26 -14.24 -15.32
N GLY B 106 -19.93 -14.12 -15.25
CA GLY B 106 -19.17 -14.59 -14.12
C GLY B 106 -19.26 -13.58 -13.00
N TRP B 107 -18.76 -13.94 -11.82
CA TRP B 107 -18.89 -13.08 -10.66
C TRP B 107 -17.53 -12.69 -10.11
N GLN B 108 -16.57 -12.58 -11.03
CA GLN B 108 -15.28 -11.97 -10.77
C GLN B 108 -15.46 -10.49 -10.41
N LEU B 109 -14.47 -9.90 -9.75
CA LEU B 109 -14.53 -8.50 -9.35
C LEU B 109 -13.69 -7.65 -10.30
N ASP B 110 -14.33 -7.06 -11.32
CA ASP B 110 -13.59 -6.44 -12.41
C ASP B 110 -13.27 -4.97 -12.21
N SER B 111 -13.92 -4.31 -11.25
CA SER B 111 -13.58 -2.93 -10.95
C SER B 111 -13.67 -2.66 -9.45
N TRP B 112 -12.69 -1.93 -8.92
CA TRP B 112 -12.53 -1.77 -7.47
C TRP B 112 -12.47 -0.32 -7.00
N GLY B 113 -12.89 -0.07 -5.77
CA GLY B 113 -12.68 1.22 -5.13
C GLY B 113 -11.21 1.39 -4.76
N GLN B 114 -10.87 2.51 -4.14
CA GLN B 114 -9.45 2.75 -3.81
C GLN B 114 -9.09 2.20 -2.43
N GLY B 115 -10.09 1.75 -1.67
CA GLY B 115 -9.85 1.26 -0.33
C GLY B 115 -9.94 2.37 0.70
N THR B 116 -10.47 2.05 1.86
CA THR B 116 -10.57 3.02 2.94
C THR B 116 -10.13 2.40 4.25
N LEU B 117 -9.33 3.16 5.00
CA LEU B 117 -8.77 2.66 6.24
C LEU B 117 -9.64 3.07 7.42
N VAL B 118 -10.33 2.09 7.99
CA VAL B 118 -11.10 2.28 9.21
C VAL B 118 -10.21 1.96 10.41
N THR B 119 -10.11 2.91 11.34
CA THR B 119 -9.36 2.68 12.57
C THR B 119 -10.31 2.76 13.75
N VAL B 120 -10.27 1.75 14.61
CA VAL B 120 -11.05 1.74 15.84
C VAL B 120 -10.09 1.71 17.00
N SER B 121 -10.13 2.72 17.85
CA SER B 121 -9.14 2.89 18.90
C SER B 121 -9.63 3.84 19.98
N SER B 122 -9.12 3.65 21.20
CA SER B 122 -9.44 4.55 22.30
C SER B 122 -8.44 5.70 22.38
N ALA B 123 -7.44 5.65 21.51
CA ALA B 123 -6.37 6.66 21.50
C ALA B 123 -6.88 7.96 20.88
N SER B 124 -6.26 9.08 21.25
CA SER B 124 -6.70 10.38 20.75
C SER B 124 -6.19 10.65 19.32
N THR B 125 -7.06 11.26 18.51
CA THR B 125 -6.68 11.75 17.19
C THR B 125 -5.68 12.89 17.33
N LYS B 126 -4.63 12.88 16.51
CA LYS B 126 -3.63 13.93 16.55
C LYS B 126 -3.08 14.26 15.17
N GLY B 127 -3.15 15.52 14.79
CA GLY B 127 -2.64 15.97 13.52
C GLY B 127 -1.12 16.05 13.52
N PRO B 128 -0.50 15.88 12.35
CA PRO B 128 0.95 15.84 12.25
C PRO B 128 1.64 17.20 12.20
N SER B 129 2.89 17.23 12.63
CA SER B 129 3.79 18.33 12.34
C SER B 129 4.53 17.99 11.04
N VAL B 130 4.66 18.96 10.16
CA VAL B 130 5.36 18.75 8.90
C VAL B 130 6.58 19.65 8.85
N PHE B 131 7.75 19.04 8.68
CA PHE B 131 9.01 19.78 8.59
C PHE B 131 9.72 19.49 7.28
N PRO B 132 10.36 20.51 6.70
CA PRO B 132 11.09 20.32 5.44
C PRO B 132 12.37 19.52 5.62
N LEU B 133 12.68 18.67 4.65
CA LEU B 133 14.01 18.10 4.53
C LEU B 133 14.70 18.78 3.34
N ALA B 134 15.34 19.92 3.60
CA ALA B 134 15.86 20.76 2.53
C ALA B 134 17.04 20.13 1.82
N PRO B 135 17.12 20.32 0.49
CA PRO B 135 18.31 19.85 -0.21
C PRO B 135 19.51 20.71 0.20
N SER B 136 20.61 20.05 0.53
CA SER B 136 21.86 20.74 0.87
C SER B 136 23.01 20.01 0.20
N SER B 137 24.23 20.48 0.42
CA SER B 137 25.41 19.80 -0.12
C SER B 137 25.53 18.39 0.49
N LYS B 138 24.97 18.22 1.67
CA LYS B 138 25.02 16.91 2.34
C LYS B 138 23.94 15.96 1.83
N SER B 139 22.98 16.48 1.07
CA SER B 139 21.98 15.60 0.42
C SER B 139 22.03 15.75 -1.09
N THR B 140 23.17 16.20 -1.60
CA THR B 140 23.39 16.41 -3.02
C THR B 140 24.72 15.80 -3.48
N SER B 141 24.67 14.96 -4.50
CA SER B 141 25.89 14.39 -5.09
C SER B 141 25.57 13.62 -6.37
N GLY B 142 26.56 13.57 -7.27
CA GLY B 142 26.43 12.84 -8.51
C GLY B 142 25.39 13.42 -9.46
N GLY B 143 24.96 14.66 -9.21
CA GLY B 143 23.99 15.31 -10.07
C GLY B 143 22.57 15.17 -9.55
N THR B 144 22.44 14.46 -8.44
CA THR B 144 21.14 14.22 -7.82
C THR B 144 21.03 14.96 -6.49
N ALA B 145 19.90 15.64 -6.30
CA ALA B 145 19.60 16.21 -5.00
C ALA B 145 18.42 15.47 -4.42
N ALA B 146 18.52 15.14 -3.14
CA ALA B 146 17.41 14.55 -2.43
C ALA B 146 16.79 15.63 -1.55
N LEU B 147 15.46 15.65 -1.49
CA LEU B 147 14.76 16.57 -0.61
C LEU B 147 13.51 15.85 -0.12
N GLY B 148 12.85 16.42 0.88
CA GLY B 148 11.67 15.76 1.38
C GLY B 148 10.92 16.51 2.45
N CYS B 149 9.97 15.81 3.06
CA CYS B 149 9.16 16.31 4.15
C CYS B 149 9.10 15.26 5.23
N LEU B 150 9.34 15.70 6.47
CA LEU B 150 9.22 14.84 7.63
C LEU B 150 7.85 15.09 8.25
N VAL B 151 7.03 14.05 8.31
CA VAL B 151 5.68 14.16 8.86
C VAL B 151 5.59 13.43 10.20
N LYS B 152 5.56 14.19 11.29
CA LYS B 152 5.83 13.65 12.61
C LYS B 152 4.66 13.76 13.59
N ASP B 153 4.51 12.73 14.42
CA ASP B 153 3.61 12.74 15.58
C ASP B 153 2.13 12.85 15.22
N TYR B 154 1.62 11.87 14.47
CA TYR B 154 0.20 11.87 14.15
C TYR B 154 -0.48 10.57 14.54
N PHE B 155 -1.81 10.62 14.59
CA PHE B 155 -2.64 9.45 14.87
C PHE B 155 -4.07 9.72 14.44
N PRO B 156 -4.72 8.73 13.80
CA PRO B 156 -4.14 7.46 13.40
C PRO B 156 -3.57 7.54 11.99
N GLU B 157 -3.22 6.40 11.41
CA GLU B 157 -2.97 6.32 9.98
C GLU B 157 -4.30 6.54 9.26
N PRO B 158 -4.28 6.97 7.99
CA PRO B 158 -3.10 7.24 7.16
C PRO B 158 -2.82 8.72 6.98
N VAL B 159 -1.55 9.03 6.77
CA VAL B 159 -1.15 10.31 6.21
C VAL B 159 -0.90 10.06 4.72
N THR B 160 -1.35 10.97 3.86
CA THR B 160 -0.97 10.87 2.45
C THR B 160 -0.10 12.04 2.05
N VAL B 161 0.89 11.77 1.20
CA VAL B 161 1.76 12.82 0.72
C VAL B 161 1.85 12.81 -0.79
N SER B 162 1.55 13.95 -1.41
CA SER B 162 1.82 14.11 -2.82
C SER B 162 2.82 15.24 -2.98
N TRP B 163 3.43 15.35 -4.15
CA TRP B 163 4.35 16.43 -4.43
C TRP B 163 3.87 17.22 -5.62
N ASN B 164 3.95 18.54 -5.50
CA ASN B 164 3.48 19.45 -6.53
C ASN B 164 2.09 19.07 -7.03
N SER B 165 1.20 18.78 -6.08
CA SER B 165 -0.19 18.44 -6.36
C SER B 165 -0.34 17.20 -7.25
N GLY B 166 0.54 16.23 -7.06
CA GLY B 166 0.48 14.99 -7.81
C GLY B 166 1.27 15.02 -9.11
N ALA B 167 1.80 16.19 -9.45
CA ALA B 167 2.53 16.35 -10.71
C ALA B 167 3.93 15.75 -10.62
N LEU B 168 4.42 15.52 -9.41
CA LEU B 168 5.73 14.90 -9.22
C LEU B 168 5.56 13.54 -8.55
N THR B 169 5.80 12.47 -9.31
CA THR B 169 5.66 11.13 -8.77
C THR B 169 6.90 10.28 -8.98
N SER B 170 7.62 10.50 -10.08
CA SER B 170 8.81 9.69 -10.32
C SER B 170 9.91 10.07 -9.34
N GLY B 171 10.49 9.06 -8.70
CA GLY B 171 11.56 9.26 -7.74
C GLY B 171 11.04 9.58 -6.35
N VAL B 172 9.72 9.58 -6.18
CA VAL B 172 9.11 9.85 -4.88
C VAL B 172 9.03 8.59 -4.03
N HIS B 173 9.61 8.65 -2.83
CA HIS B 173 9.45 7.57 -1.88
C HIS B 173 8.77 8.06 -0.61
N THR B 174 7.51 7.67 -0.43
CA THR B 174 6.85 7.96 0.83
C THR B 174 6.97 6.71 1.69
N PHE B 175 7.77 6.79 2.74
CA PHE B 175 8.09 5.61 3.54
C PHE B 175 6.92 5.16 4.40
N PRO B 176 6.78 3.84 4.59
CA PRO B 176 5.82 3.29 5.55
C PRO B 176 6.00 3.96 6.89
N ALA B 177 4.90 4.26 7.56
CA ALA B 177 4.96 4.90 8.87
C ALA B 177 5.67 4.02 9.90
N VAL B 178 6.30 4.67 10.88
CA VAL B 178 6.82 3.95 12.03
C VAL B 178 6.04 4.34 13.28
N LEU B 179 5.96 3.42 14.23
CA LEU B 179 5.27 3.67 15.49
C LEU B 179 6.30 4.15 16.50
N GLN B 180 6.14 5.37 17.00
CA GLN B 180 7.07 5.93 17.96
C GLN B 180 6.74 5.46 19.38
N SER B 181 7.66 5.70 20.31
CA SER B 181 7.48 5.26 21.69
C SER B 181 6.23 5.87 22.31
N SER B 182 5.88 7.06 21.83
CA SER B 182 4.72 7.81 22.33
C SER B 182 3.40 7.19 21.90
N GLY B 183 3.46 6.26 20.96
CA GLY B 183 2.25 5.67 20.41
C GLY B 183 1.77 6.43 19.19
N LEU B 184 2.51 7.48 18.82
CA LEU B 184 2.20 8.26 17.64
C LEU B 184 2.97 7.77 16.43
N TYR B 185 2.47 8.08 15.24
CA TYR B 185 3.15 7.68 14.01
C TYR B 185 4.08 8.77 13.50
N SER B 186 4.99 8.37 12.64
CA SER B 186 5.87 9.31 11.95
C SER B 186 6.31 8.72 10.61
N LEU B 187 6.45 9.57 9.61
CA LEU B 187 7.00 9.11 8.34
C LEU B 187 7.71 10.26 7.65
N SER B 188 8.51 9.91 6.65
CA SER B 188 9.06 10.91 5.77
C SER B 188 8.78 10.54 4.33
N SER B 189 8.61 11.54 3.50
CA SER B 189 8.48 11.36 2.07
C SER B 189 9.64 12.08 1.43
N VAL B 190 10.39 11.40 0.58
CA VAL B 190 11.52 12.03 -0.09
C VAL B 190 11.36 11.92 -1.59
N VAL B 191 12.11 12.76 -2.30
CA VAL B 191 12.17 12.70 -3.74
C VAL B 191 13.57 13.10 -4.17
N THR B 192 14.09 12.44 -5.20
CA THR B 192 15.35 12.85 -5.81
C THR B 192 15.08 13.55 -7.13
N VAL B 193 15.82 14.64 -7.35
CA VAL B 193 15.64 15.51 -8.52
C VAL B 193 17.01 15.94 -9.02
N PRO B 194 17.08 16.51 -10.23
CA PRO B 194 18.39 17.01 -10.67
C PRO B 194 18.87 18.13 -9.77
N SER B 195 20.14 18.13 -9.37
CA SER B 195 20.66 19.22 -8.57
C SER B 195 20.77 20.48 -9.42
N SER B 196 20.84 20.28 -10.74
CA SER B 196 21.01 21.38 -11.68
C SER B 196 19.79 22.29 -11.80
N SER B 197 18.63 21.83 -11.34
CA SER B 197 17.40 22.60 -11.54
C SER B 197 16.75 23.02 -10.23
N LEU B 198 17.51 23.08 -9.15
CA LEU B 198 16.96 23.52 -7.88
C LEU B 198 16.66 25.02 -7.90
N GLY B 199 17.29 25.74 -8.83
CA GLY B 199 17.05 27.16 -9.00
C GLY B 199 15.83 27.49 -9.84
N THR B 200 15.40 26.56 -10.69
CA THR B 200 14.28 26.81 -11.60
C THR B 200 12.99 26.08 -11.22
N GLN B 201 13.11 24.95 -10.54
CA GLN B 201 11.93 24.19 -10.15
C GLN B 201 11.52 24.52 -8.72
N THR B 202 10.24 24.37 -8.41
CA THR B 202 9.76 24.49 -7.04
C THR B 202 9.16 23.15 -6.59
N TYR B 203 9.39 22.81 -5.32
CA TYR B 203 8.94 21.54 -4.81
C TYR B 203 8.10 21.73 -3.57
N ILE B 204 6.86 21.26 -3.62
CA ILE B 204 5.94 21.40 -2.50
C ILE B 204 5.36 20.05 -2.12
N CYS B 205 5.48 19.68 -0.84
CA CYS B 205 4.84 18.45 -0.40
C CYS B 205 3.44 18.75 0.14
N ASN B 206 2.44 18.06 -0.41
CA ASN B 206 1.06 18.23 0.02
C ASN B 206 0.69 17.12 1.00
N VAL B 207 0.60 17.48 2.27
CA VAL B 207 0.34 16.48 3.31
C VAL B 207 -1.13 16.50 3.70
N ASN B 208 -1.77 15.34 3.67
CA ASN B 208 -3.17 15.23 4.04
C ASN B 208 -3.35 14.22 5.18
N HIS B 209 -3.98 14.67 6.27
CA HIS B 209 -4.37 13.75 7.32
C HIS B 209 -5.87 13.91 7.57
N LYS B 210 -6.66 13.19 6.80
CA LYS B 210 -8.12 13.33 6.87
C LYS B 210 -8.72 13.12 8.26
N PRO B 211 -8.25 12.10 9.03
CA PRO B 211 -8.83 11.92 10.37
C PRO B 211 -8.75 13.13 11.30
N SER B 212 -7.79 14.02 11.08
CA SER B 212 -7.73 15.25 11.88
C SER B 212 -8.21 16.44 11.05
N ASN B 213 -8.62 16.16 9.81
CA ASN B 213 -9.05 17.21 8.87
C ASN B 213 -7.95 18.23 8.67
N THR B 214 -6.74 17.72 8.41
CA THR B 214 -5.55 18.55 8.32
C THR B 214 -4.90 18.47 6.94
N LYS B 215 -4.66 19.63 6.33
CA LYS B 215 -3.93 19.69 5.07
C LYS B 215 -2.77 20.67 5.21
N VAL B 216 -1.57 20.24 4.83
CA VAL B 216 -0.41 21.12 4.86
C VAL B 216 0.30 21.11 3.51
N ASP B 217 0.65 22.28 3.01
CA ASP B 217 1.44 22.42 1.79
C ASP B 217 2.78 23.07 2.10
N LYS B 218 3.82 22.27 2.27
CA LYS B 218 5.13 22.80 2.67
C LYS B 218 6.06 22.98 1.48
N ARG B 219 6.45 24.22 1.21
CA ARG B 219 7.45 24.45 0.17
C ARG B 219 8.83 24.07 0.71
N VAL B 220 9.54 23.23 -0.04
CA VAL B 220 10.85 22.76 0.40
C VAL B 220 11.94 23.38 -0.45
N GLU B 221 12.73 24.27 0.17
CA GLU B 221 13.70 25.07 -0.55
C GLU B 221 15.12 24.79 -0.10
N PRO B 222 16.08 24.90 -1.02
CA PRO B 222 17.50 24.69 -0.67
C PRO B 222 18.02 25.73 0.31
N LYS B 223 19.05 25.37 1.06
CA LYS B 223 19.80 26.30 1.89
C LYS B 223 21.03 25.62 2.47
N TYR C 12 -21.49 -29.67 -6.82
CA TYR C 12 -21.65 -30.02 -8.22
C TYR C 12 -22.15 -28.83 -9.05
N LYS C 13 -23.00 -27.99 -8.46
CA LYS C 13 -23.56 -26.86 -9.17
C LYS C 13 -23.31 -25.54 -8.44
N PRO C 14 -23.05 -24.47 -9.21
CA PRO C 14 -22.75 -23.17 -8.60
C PRO C 14 -23.99 -22.47 -8.04
N VAL C 15 -23.79 -21.55 -7.11
CA VAL C 15 -24.87 -20.70 -6.63
C VAL C 15 -25.09 -19.53 -7.60
N ASP C 16 -26.24 -19.51 -8.24
CA ASP C 16 -26.57 -18.53 -9.28
C ASP C 16 -26.84 -17.16 -8.68
N LEU C 17 -26.00 -16.19 -9.04
CA LEU C 17 -26.13 -14.84 -8.52
C LEU C 17 -26.68 -13.87 -9.55
N SER C 18 -27.15 -14.38 -10.68
CA SER C 18 -27.68 -13.53 -11.73
C SER C 18 -29.00 -12.92 -11.28
N LYS C 19 -29.21 -11.65 -11.63
CA LYS C 19 -30.40 -10.93 -11.22
C LYS C 19 -31.07 -10.22 -12.39
N VAL C 20 -30.26 -9.86 -13.39
CA VAL C 20 -30.63 -8.97 -14.50
C VAL C 20 -31.68 -7.93 -14.13
#